data_3UYV
#
_entry.id   3UYV
#
_cell.length_a   58.640
_cell.length_b   58.640
_cell.length_c   292.641
_cell.angle_alpha   90.00
_cell.angle_beta   90.00
_cell.angle_gamma   120.00
#
_symmetry.space_group_name_H-M   'P 65 2 2'
#
loop_
_entity.id
_entity.type
_entity.pdbx_description
1 polymer 'Antifreeze protein'
2 branched alpha-D-mannopyranose-(1-6)-beta-D-mannopyranose-(1-4)-2-acetamido-2-deoxy-beta-D-glucopyranose-(1-4)-2-acetamido-2-deoxy-beta-D-glucopyranose
3 water water
#
_entity_poly.entity_id   1
_entity_poly.type   'polypeptide(L)'
_entity_poly.pdbx_seq_one_letter_code
;QRDLSVELGVASNFAILAKAGISSVPDSAILGDIGVSPAAATYITGFGLTQDSSTTYATSPQVTGLIYAADYSTPTPNYL
AAAVANAETAYNQAAGFVDPDFLELGAGELRDQTLVPGLYKWTSSVSVPTDLTFEGNGDATWVFQIAGGLSLADGVAFTL
AGGANSTNIAFQVGDDVTVGKGAHFEGVLLAKRFVTLQTGSSLNGRVLSQTEVALQKATVNSPFVPAPEVVQKRSNARQW
L
;
_entity_poly.pdbx_strand_id   A
#
loop_
_chem_comp.id
_chem_comp.type
_chem_comp.name
_chem_comp.formula
BMA D-saccharide, beta linking beta-D-mannopyranose 'C6 H12 O6'
MAN D-saccharide, alpha linking alpha-D-mannopyranose 'C6 H12 O6'
NAG D-saccharide, beta linking 2-acetamido-2-deoxy-beta-D-glucopyranose 'C8 H15 N O6'
#
# COMPACT_ATOMS: atom_id res chain seq x y z
N GLN A 1 -11.32 8.13 -19.44
CA GLN A 1 -12.35 9.21 -19.22
C GLN A 1 -12.90 9.33 -17.78
N ARG A 2 -13.07 8.24 -17.04
CA ARG A 2 -13.65 8.35 -15.67
C ARG A 2 -12.65 8.70 -14.54
N ASP A 3 -13.00 9.63 -13.66
CA ASP A 3 -12.12 9.99 -12.52
C ASP A 3 -12.30 9.07 -11.32
N LEU A 4 -11.42 8.08 -11.19
CA LEU A 4 -11.50 7.11 -10.10
C LEU A 4 -10.34 7.28 -9.13
N SER A 5 -9.80 8.49 -9.08
CA SER A 5 -8.90 8.95 -8.01
C SER A 5 -9.42 8.56 -6.66
N VAL A 6 -8.53 8.16 -5.79
CA VAL A 6 -8.87 7.90 -4.41
C VAL A 6 -8.02 8.87 -3.57
N GLU A 7 -8.70 9.53 -2.63
CA GLU A 7 -8.11 10.53 -1.76
C GLU A 7 -7.59 9.84 -0.50
N LEU A 8 -6.38 10.17 -0.08
CA LEU A 8 -5.65 9.43 0.96
C LEU A 8 -5.35 10.31 2.17
N GLY A 9 -5.54 11.62 1.98
CA GLY A 9 -5.32 12.56 3.06
C GLY A 9 -3.93 12.44 3.68
N VAL A 10 -3.89 12.19 4.99
CA VAL A 10 -2.61 12.09 5.68
C VAL A 10 -1.86 10.78 5.34
N ALA A 11 -2.58 9.71 5.05
CA ALA A 11 -1.95 8.46 4.62
C ALA A 11 -0.95 8.65 3.47
N SER A 12 -1.06 9.69 2.65
CA SER A 12 -0.08 9.83 1.59
C SER A 12 1.28 10.30 2.11
N ASN A 13 1.33 10.53 3.41
CA ASN A 13 2.60 10.74 4.13
C ASN A 13 3.37 9.42 4.45
N PHE A 14 2.78 8.25 4.14
CA PHE A 14 3.31 6.98 4.59
C PHE A 14 3.63 5.96 3.49
N ALA A 15 4.82 5.38 3.51
CA ALA A 15 5.12 4.16 2.73
C ALA A 15 4.22 3.03 3.20
N ILE A 16 4.06 2.97 4.51
CA ILE A 16 3.31 1.88 5.12
C ILE A 16 2.58 2.37 6.33
N LEU A 17 1.32 2.00 6.43
CA LEU A 17 0.58 2.33 7.65
C LEU A 17 -0.27 1.14 8.05
N ALA A 18 -0.19 0.70 9.30
CA ALA A 18 -0.93 -0.46 9.75
C ALA A 18 -1.64 -0.27 11.08
N LYS A 19 -2.75 -0.95 11.27
CA LYS A 19 -3.46 -0.79 12.54
C LYS A 19 -2.89 -1.61 13.65
N ALA A 20 -2.45 -2.83 13.33
CA ALA A 20 -2.09 -3.78 14.39
C ALA A 20 -0.62 -4.06 14.49
N GLY A 21 0.15 -3.93 13.40
CA GLY A 21 1.58 -4.16 13.50
C GLY A 21 2.28 -4.14 12.18
N ILE A 22 3.57 -3.85 12.22
CA ILE A 22 4.45 -4.01 11.06
C ILE A 22 5.68 -4.84 11.47
N SER A 23 6.06 -5.83 10.65
CA SER A 23 7.25 -6.67 10.91
C SER A 23 8.20 -6.72 9.73
N SER A 24 9.48 -6.98 10.00
CA SER A 24 10.47 -7.12 8.94
C SER A 24 11.47 -8.26 9.19
N VAL A 25 11.67 -9.13 8.20
CA VAL A 25 12.88 -9.92 8.23
C VAL A 25 13.90 -9.14 7.44
N PRO A 26 14.94 -8.65 8.15
CA PRO A 26 15.91 -7.69 7.64
C PRO A 26 16.88 -8.33 6.63
N ASP A 27 17.49 -7.55 5.73
CA ASP A 27 17.23 -6.13 5.55
C ASP A 27 16.08 -5.90 4.58
N SER A 28 15.00 -5.28 5.03
CA SER A 28 14.06 -4.66 4.13
C SER A 28 14.54 -3.25 3.84
N ALA A 29 13.91 -2.57 2.90
CA ALA A 29 14.37 -1.24 2.48
C ALA A 29 13.11 -0.41 2.20
N ILE A 30 12.88 0.61 3.03
CA ILE A 30 11.69 1.45 2.93
C ILE A 30 12.05 2.89 2.69
N LEU A 31 11.53 3.42 1.58
CA LEU A 31 11.66 4.85 1.26
C LEU A 31 10.35 5.53 1.62
N GLY A 32 10.38 6.33 2.71
CA GLY A 32 9.15 6.92 3.22
C GLY A 32 8.92 6.52 4.65
N ASP A 33 7.94 7.17 5.29
CA ASP A 33 7.63 6.91 6.70
C ASP A 33 6.80 5.66 6.89
N ILE A 34 6.83 5.13 8.11
CA ILE A 34 5.94 4.10 8.49
C ILE A 34 5.28 4.37 9.83
N GLY A 35 4.06 3.84 10.00
CA GLY A 35 3.33 4.07 11.25
C GLY A 35 2.39 2.97 11.66
N VAL A 36 2.20 2.82 12.96
CA VAL A 36 1.12 1.93 13.45
C VAL A 36 0.25 2.75 14.40
N SER A 37 -1.07 2.60 14.26
CA SER A 37 -2.05 3.13 15.19
C SER A 37 -3.34 2.38 14.96
N PRO A 38 -4.09 2.03 16.03
CA PRO A 38 -3.82 2.34 17.45
C PRO A 38 -2.70 1.54 18.15
N ALA A 39 -2.11 0.54 17.48
CA ALA A 39 -0.94 -0.16 18.05
C ALA A 39 0.18 0.75 18.52
N ALA A 40 0.80 0.36 19.63
CA ALA A 40 2.00 0.98 20.19
C ALA A 40 3.27 0.45 19.49
N ALA A 41 4.42 1.02 19.83
CA ALA A 41 5.70 0.71 19.19
C ALA A 41 6.23 -0.72 19.32
N THR A 42 5.82 -1.42 20.37
CA THR A 42 6.20 -2.83 20.64
C THR A 42 5.80 -3.75 19.47
N TYR A 43 4.77 -3.37 18.72
CA TYR A 43 4.27 -4.10 17.56
C TYR A 43 4.92 -3.73 16.21
N ILE A 44 5.97 -2.92 16.22
CA ILE A 44 6.85 -2.73 15.06
C ILE A 44 8.09 -3.58 15.35
N THR A 45 8.21 -4.75 14.71
CA THR A 45 9.27 -5.75 15.02
C THR A 45 10.29 -6.01 13.88
N GLY A 46 11.54 -6.20 14.27
CA GLY A 46 12.61 -6.52 13.33
C GLY A 46 13.29 -5.31 12.76
N PHE A 47 12.97 -4.14 13.31
CA PHE A 47 13.48 -2.91 12.72
C PHE A 47 14.68 -2.30 13.45
N GLY A 48 14.96 -2.84 14.65
CA GLY A 48 15.94 -2.30 15.62
C GLY A 48 15.78 -0.80 15.81
N LEU A 49 14.61 -0.40 16.30
CA LEU A 49 14.20 1.00 16.51
C LEU A 49 15.01 1.78 17.53
N THR A 50 15.57 2.91 17.12
CA THR A 50 16.21 3.83 18.05
C THR A 50 15.32 5.06 18.22
N GLN A 51 15.16 5.55 19.43
CA GLN A 51 14.24 6.68 19.62
C GLN A 51 14.97 7.98 19.84
N ASP A 52 14.27 9.10 19.56
CA ASP A 52 14.83 10.44 19.82
C ASP A 52 14.22 11.14 21.08
N SER A 53 13.98 12.47 21.17
CA SER A 53 14.14 13.55 20.15
C SER A 53 13.37 13.32 18.84
N THR A 55 11.15 12.54 21.16
CA THR A 55 10.66 11.21 21.52
C THR A 55 9.33 10.90 20.82
N THR A 56 9.13 11.55 19.68
CA THR A 56 7.86 11.57 19.01
C THR A 56 7.93 10.64 17.78
N TYR A 57 9.13 10.17 17.50
CA TYR A 57 9.34 9.22 16.41
C TYR A 57 10.56 8.32 16.70
N ALA A 58 10.78 7.33 15.84
CA ALA A 58 11.97 6.48 15.96
C ALA A 58 12.70 6.43 14.63
N THR A 59 13.96 5.98 14.63
CA THR A 59 14.69 5.61 13.39
C THR A 59 15.09 4.13 13.34
N SER A 60 15.34 3.68 12.12
CA SER A 60 15.71 2.30 11.84
C SER A 60 16.55 2.31 10.56
N PRO A 61 17.67 1.54 10.53
CA PRO A 61 18.51 1.45 9.32
C PRO A 61 17.74 1.04 8.06
N GLN A 62 16.60 0.38 8.24
CA GLN A 62 15.79 -0.14 7.11
C GLN A 62 14.75 0.89 6.58
N VAL A 63 14.73 2.05 7.21
CA VAL A 63 13.71 3.06 6.92
C VAL A 63 14.42 4.35 6.64
N THR A 64 14.28 4.79 5.40
CA THR A 64 14.79 6.08 4.97
C THR A 64 13.56 7.00 5.11
N GLY A 65 13.50 7.69 6.25
CA GLY A 65 12.28 8.28 6.77
C GLY A 65 12.06 7.90 8.23
N LEU A 66 10.84 8.11 8.73
CA LEU A 66 10.60 8.06 10.17
C LEU A 66 9.55 7.05 10.49
N ILE A 67 9.51 6.66 11.75
CA ILE A 67 8.64 5.61 12.27
C ILE A 67 7.80 6.18 13.39
N TYR A 68 6.50 5.98 13.29
CA TYR A 68 5.55 6.56 14.23
C TYR A 68 4.70 5.46 14.85
N ALA A 69 4.49 5.54 16.17
CA ALA A 69 3.70 4.57 16.88
C ALA A 69 2.68 5.36 17.71
N ALA A 70 1.54 4.74 18.03
CA ALA A 70 0.43 5.45 18.68
C ALA A 70 0.69 5.86 20.13
N ASP A 71 1.79 5.38 20.70
CA ASP A 71 2.14 5.64 22.10
C ASP A 71 3.34 6.56 22.18
N TYR A 72 3.69 7.17 21.04
CA TYR A 72 4.72 8.20 21.02
C TYR A 72 4.21 9.59 21.53
N SER A 73 5.12 10.52 21.81
CA SER A 73 4.76 11.82 22.40
C SER A 73 4.00 12.76 21.42
N THR A 74 3.12 13.61 21.98
CA THR A 74 2.30 14.60 21.23
C THR A 74 3.15 15.35 20.25
N PRO A 75 2.65 15.61 19.01
CA PRO A 75 1.29 15.27 18.51
C PRO A 75 1.20 13.99 17.68
N THR A 76 2.14 13.06 17.83
CA THR A 76 2.10 11.82 16.98
C THR A 76 0.75 11.05 17.09
N PRO A 77 0.25 10.81 18.31
CA PRO A 77 -1.02 10.11 18.36
C PRO A 77 -2.10 10.65 17.42
N ASN A 78 -2.23 11.98 17.31
CA ASN A 78 -3.31 12.57 16.50
C ASN A 78 -2.92 12.69 15.05
N TYR A 79 -1.64 12.89 14.79
CA TYR A 79 -1.07 12.73 13.48
C TYR A 79 -1.47 11.33 12.92
N LEU A 80 -1.13 10.27 13.64
CA LEU A 80 -1.47 8.90 13.26
C LEU A 80 -2.95 8.60 13.13
N ALA A 81 -3.78 9.11 14.04
CA ALA A 81 -5.22 8.79 14.05
C ALA A 81 -5.87 9.32 12.78
N ALA A 82 -5.45 10.50 12.37
CA ALA A 82 -5.92 11.06 11.15
C ALA A 82 -5.46 10.25 9.91
N ALA A 83 -4.19 9.86 9.87
CA ALA A 83 -3.66 9.01 8.79
C ALA A 83 -4.49 7.73 8.68
N VAL A 84 -4.68 7.10 9.83
CA VAL A 84 -5.48 5.89 9.87
C VAL A 84 -6.92 6.11 9.42
N ALA A 85 -7.64 7.07 10.03
CA ALA A 85 -9.04 7.38 9.61
C ALA A 85 -9.12 7.71 8.13
N ASN A 86 -8.15 8.51 7.65
CA ASN A 86 -8.04 8.86 6.22
C ASN A 86 -7.84 7.63 5.33
N ALA A 87 -7.08 6.67 5.85
CA ALA A 87 -6.87 5.41 5.18
C ALA A 87 -8.16 4.58 5.13
N GLU A 88 -8.91 4.55 6.24
CA GLU A 88 -10.26 3.93 6.26
C GLU A 88 -11.22 4.62 5.25
N THR A 89 -11.24 5.95 5.26
CA THR A 89 -12.03 6.73 4.30
C THR A 89 -11.71 6.32 2.86
N ALA A 90 -10.43 6.10 2.57
CA ALA A 90 -9.96 5.80 1.24
C ALA A 90 -10.38 4.38 0.79
N TYR A 91 -10.04 3.38 1.59
CA TYR A 91 -10.61 2.04 1.48
C TYR A 91 -12.10 2.07 1.10
N ASN A 92 -12.93 2.69 1.93
CA ASN A 92 -14.39 2.76 1.69
C ASN A 92 -14.81 3.46 0.39
N GLN A 93 -14.09 4.52 0.02
CA GLN A 93 -14.31 5.19 -1.27
C GLN A 93 -14.01 4.24 -2.42
N ALA A 94 -12.86 3.59 -2.37
CA ALA A 94 -12.45 2.66 -3.43
C ALA A 94 -13.45 1.51 -3.58
N ALA A 95 -14.02 1.07 -2.46
CA ALA A 95 -15.01 0.02 -2.44
C ALA A 95 -16.36 0.56 -2.85
N GLY A 96 -16.62 1.84 -2.53
CA GLY A 96 -17.89 2.53 -2.82
C GLY A 96 -18.25 2.66 -4.29
N PHE A 97 -17.28 2.85 -5.18
CA PHE A 97 -17.58 3.00 -6.61
C PHE A 97 -18.57 1.96 -7.16
N VAL A 98 -19.46 2.45 -8.03
CA VAL A 98 -20.45 1.58 -8.66
C VAL A 98 -20.20 1.45 -10.17
N ASP A 99 -20.95 0.54 -10.79
CA ASP A 99 -20.99 0.33 -12.24
C ASP A 99 -19.58 0.00 -12.78
N PRO A 100 -19.08 -1.22 -12.50
CA PRO A 100 -17.73 -1.60 -12.93
C PRO A 100 -17.60 -1.78 -14.43
N ASP A 101 -16.39 -1.59 -14.94
CA ASP A 101 -16.12 -1.80 -16.35
C ASP A 101 -15.76 -3.28 -16.61
N PHE A 102 -15.12 -3.93 -15.63
CA PHE A 102 -14.75 -5.33 -15.69
C PHE A 102 -15.26 -5.98 -14.43
N LEU A 103 -16.05 -7.04 -14.62
CA LEU A 103 -16.65 -7.82 -13.55
C LEU A 103 -16.18 -9.29 -13.69
N GLU A 104 -15.58 -9.83 -12.62
CA GLU A 104 -15.15 -11.24 -12.55
C GLU A 104 -14.15 -11.62 -13.64
N LEU A 105 -13.24 -10.73 -13.96
CA LEU A 105 -12.42 -10.92 -15.12
C LEU A 105 -11.44 -12.11 -14.93
N GLY A 106 -11.50 -13.06 -15.87
CA GLY A 106 -10.59 -14.22 -15.85
C GLY A 106 -10.89 -15.17 -14.69
N ALA A 107 -12.14 -15.13 -14.22
CA ALA A 107 -12.60 -15.87 -13.02
C ALA A 107 -11.67 -15.70 -11.81
N GLY A 108 -10.97 -14.57 -11.77
CA GLY A 108 -10.11 -14.25 -10.64
C GLY A 108 -8.65 -14.39 -10.97
N GLU A 109 -8.35 -14.95 -12.15
CA GLU A 109 -6.97 -15.18 -12.56
C GLU A 109 -6.58 -14.20 -13.63
N LEU A 110 -5.53 -13.42 -13.36
CA LEU A 110 -5.06 -12.42 -14.31
C LEU A 110 -3.77 -12.86 -14.96
N ARG A 111 -3.90 -13.34 -16.19
CA ARG A 111 -2.81 -14.02 -16.88
C ARG A 111 -2.49 -13.28 -18.17
N ASP A 112 -1.20 -12.99 -18.39
CA ASP A 112 -0.71 -12.09 -19.47
C ASP A 112 -1.67 -10.97 -19.87
N GLN A 113 -2.34 -10.38 -18.85
CA GLN A 113 -3.33 -9.31 -19.05
C GLN A 113 -2.67 -7.92 -19.32
N THR A 114 -3.48 -7.00 -19.89
CA THR A 114 -3.17 -5.57 -20.11
C THR A 114 -4.42 -4.87 -19.62
N LEU A 115 -4.32 -4.14 -18.50
CA LEU A 115 -5.50 -3.49 -17.92
C LEU A 115 -5.66 -2.01 -18.34
N VAL A 116 -6.70 -1.73 -19.10
CA VAL A 116 -7.05 -0.34 -19.45
C VAL A 116 -7.73 0.34 -18.23
N PRO A 117 -7.70 1.71 -18.13
CA PRO A 117 -8.30 2.46 -17.01
C PRO A 117 -9.78 2.14 -16.79
N GLY A 118 -10.22 2.16 -15.54
CA GLY A 118 -11.61 1.88 -15.24
C GLY A 118 -11.76 1.14 -13.93
N LEU A 119 -12.99 0.73 -13.63
CA LEU A 119 -13.38 0.03 -12.40
C LEU A 119 -13.39 -1.50 -12.64
N TYR A 120 -12.60 -2.23 -11.84
CA TYR A 120 -12.56 -3.68 -11.88
C TYR A 120 -13.04 -4.22 -10.56
N LYS A 121 -14.04 -5.07 -10.62
CA LYS A 121 -14.62 -5.67 -9.44
C LYS A 121 -14.50 -7.22 -9.52
N TRP A 122 -14.40 -7.88 -8.37
CA TRP A 122 -14.47 -9.33 -8.29
C TRP A 122 -15.21 -9.67 -7.03
N THR A 123 -15.99 -10.76 -7.05
CA THR A 123 -16.54 -11.34 -5.81
C THR A 123 -15.62 -12.42 -5.20
N SER A 124 -14.50 -12.71 -5.86
CA SER A 124 -13.60 -13.80 -5.44
C SER A 124 -12.23 -13.29 -4.95
N SER A 125 -11.26 -14.20 -4.84
CA SER A 125 -9.85 -13.82 -4.67
C SER A 125 -9.31 -13.56 -6.06
N VAL A 126 -8.09 -13.02 -6.15
CA VAL A 126 -7.47 -12.73 -7.43
C VAL A 126 -6.05 -13.23 -7.37
N SER A 127 -5.66 -14.03 -8.36
CA SER A 127 -4.28 -14.46 -8.50
C SER A 127 -3.71 -13.87 -9.77
N VAL A 128 -2.45 -13.45 -9.71
CA VAL A 128 -1.74 -12.94 -10.87
C VAL A 128 -0.59 -13.93 -11.12
N PRO A 129 -0.80 -14.88 -12.05
CA PRO A 129 0.27 -15.88 -12.26
C PRO A 129 1.44 -15.38 -13.09
N THR A 130 1.20 -14.32 -13.87
CA THR A 130 2.22 -13.77 -14.78
C THR A 130 2.22 -12.24 -14.79
N ASP A 131 3.32 -11.64 -15.28
CA ASP A 131 3.41 -10.19 -15.45
C ASP A 131 2.06 -9.56 -15.87
N LEU A 132 1.82 -8.36 -15.35
CA LEU A 132 0.57 -7.65 -15.64
C LEU A 132 0.89 -6.23 -16.08
N THR A 133 0.21 -5.76 -17.12
CA THR A 133 0.54 -4.46 -17.70
C THR A 133 -0.58 -3.46 -17.47
N PHE A 134 -0.22 -2.25 -17.07
CA PHE A 134 -1.18 -1.15 -16.95
C PHE A 134 -0.92 -0.18 -18.07
N GLU A 135 -1.91 0.00 -18.93
CA GLU A 135 -1.73 0.97 -19.98
C GLU A 135 -2.79 2.06 -20.01
N GLY A 136 -2.30 3.29 -19.95
CA GLY A 136 -3.11 4.49 -20.17
C GLY A 136 -2.18 5.65 -19.87
N ASN A 137 -2.72 6.87 -19.90
CA ASN A 137 -1.91 8.10 -19.77
C ASN A 137 -1.50 8.52 -18.33
N GLY A 138 -0.85 9.68 -18.23
CA GLY A 138 -0.33 10.19 -16.95
C GLY A 138 -1.43 10.55 -15.96
N ASP A 139 -2.67 10.56 -16.47
CA ASP A 139 -3.87 10.94 -15.74
C ASP A 139 -4.93 9.83 -15.58
N ALA A 140 -4.74 8.70 -16.25
CA ALA A 140 -5.67 7.59 -16.20
C ALA A 140 -5.61 7.00 -14.82
N THR A 141 -6.79 6.58 -14.33
CA THR A 141 -6.91 6.00 -13.00
C THR A 141 -7.51 4.64 -13.10
N TRP A 142 -7.10 3.74 -12.20
CA TRP A 142 -7.64 2.37 -12.15
C TRP A 142 -8.05 2.13 -10.74
N VAL A 143 -9.14 1.43 -10.52
CA VAL A 143 -9.47 0.99 -9.16
C VAL A 143 -9.85 -0.49 -9.23
N PHE A 144 -9.43 -1.26 -8.23
CA PHE A 144 -9.71 -2.69 -8.16
C PHE A 144 -10.46 -3.03 -6.89
N GLN A 145 -11.65 -3.61 -7.03
CA GLN A 145 -12.39 -4.01 -5.86
C GLN A 145 -12.46 -5.53 -5.76
N ILE A 146 -11.68 -6.05 -4.80
CA ILE A 146 -11.50 -7.47 -4.57
C ILE A 146 -12.09 -7.88 -3.23
N ALA A 147 -13.13 -8.69 -3.27
CA ALA A 147 -13.83 -9.09 -2.04
C ALA A 147 -13.06 -10.18 -1.25
N GLY A 148 -12.19 -10.91 -1.93
CA GLY A 148 -11.38 -11.95 -1.31
C GLY A 148 -9.96 -11.45 -1.19
N GLY A 149 -9.00 -12.36 -1.35
CA GLY A 149 -7.60 -12.03 -1.19
C GLY A 149 -7.00 -11.74 -2.53
N LEU A 150 -5.69 -11.41 -2.52
CA LEU A 150 -4.95 -11.02 -3.68
C LEU A 150 -3.58 -11.66 -3.53
N SER A 151 -3.09 -12.30 -4.59
CA SER A 151 -1.73 -12.81 -4.57
C SER A 151 -1.02 -12.52 -5.88
N LEU A 152 0.28 -12.33 -5.81
CA LEU A 152 1.10 -12.32 -7.01
C LEU A 152 2.07 -13.48 -6.88
N ALA A 153 2.26 -14.21 -7.99
CA ALA A 153 3.08 -15.42 -7.97
C ALA A 153 4.53 -14.99 -7.91
N ASP A 154 5.38 -15.84 -7.36
CA ASP A 154 6.78 -15.50 -7.26
C ASP A 154 7.26 -14.94 -8.59
N GLY A 155 8.07 -13.88 -8.55
CA GLY A 155 8.69 -13.32 -9.76
C GLY A 155 7.84 -12.45 -10.68
N VAL A 156 6.51 -12.39 -10.49
CA VAL A 156 5.73 -11.57 -11.42
C VAL A 156 5.92 -10.08 -11.16
N ALA A 157 5.90 -9.32 -12.26
CA ALA A 157 5.98 -7.87 -12.14
C ALA A 157 4.73 -7.19 -12.68
N PHE A 158 4.29 -6.16 -11.95
CA PHE A 158 3.41 -5.10 -12.46
C PHE A 158 4.30 -4.13 -13.24
N THR A 159 3.90 -3.82 -14.47
CA THR A 159 4.63 -2.81 -15.23
C THR A 159 3.68 -1.79 -15.82
N LEU A 160 4.25 -0.61 -16.00
CA LEU A 160 3.53 0.55 -16.44
C LEU A 160 3.80 0.83 -17.91
N ALA A 161 2.73 1.23 -18.61
CA ALA A 161 2.80 1.49 -20.03
C ALA A 161 2.00 2.74 -20.36
N GLY A 162 2.38 3.41 -21.45
CA GLY A 162 1.56 4.50 -22.00
C GLY A 162 1.55 5.75 -21.15
N GLY A 163 2.45 5.79 -20.17
CA GLY A 163 2.52 6.91 -19.20
C GLY A 163 1.72 6.73 -17.93
N ALA A 164 1.12 5.55 -17.74
CA ALA A 164 0.47 5.18 -16.48
C ALA A 164 1.32 5.54 -15.27
N ASN A 165 0.65 6.03 -14.23
CA ASN A 165 1.24 6.55 -12.98
C ASN A 165 0.63 5.71 -11.84
N SER A 166 1.46 5.14 -10.97
CA SER A 166 0.94 4.27 -9.91
C SER A 166 0.36 5.03 -8.70
N THR A 167 0.51 6.35 -8.70
CA THR A 167 -0.23 7.21 -7.75
C THR A 167 -1.70 7.18 -8.14
N ASN A 168 -1.98 6.79 -9.40
CA ASN A 168 -3.36 6.63 -9.90
C ASN A 168 -3.94 5.18 -9.94
N ILE A 169 -3.23 4.23 -9.31
CA ILE A 169 -3.70 2.86 -9.25
C ILE A 169 -4.05 2.50 -7.82
N ALA A 170 -5.27 2.06 -7.56
CA ALA A 170 -5.65 1.70 -6.18
C ALA A 170 -6.21 0.28 -6.10
N PHE A 171 -5.73 -0.52 -5.15
CA PHE A 171 -6.31 -1.86 -4.90
C PHE A 171 -7.03 -1.89 -3.58
N GLN A 172 -8.35 -2.07 -3.58
CA GLN A 172 -9.09 -2.31 -2.35
C GLN A 172 -9.24 -3.82 -2.20
N VAL A 173 -8.74 -4.43 -1.10
CA VAL A 173 -8.75 -5.90 -0.98
C VAL A 173 -9.31 -6.33 0.36
N GLY A 174 -10.30 -7.23 0.33
CA GLY A 174 -11.08 -7.63 1.53
C GLY A 174 -10.41 -8.68 2.41
N ASP A 175 -9.44 -9.41 1.85
CA ASP A 175 -8.79 -10.53 2.54
C ASP A 175 -7.23 -10.42 2.33
N ASP A 176 -6.46 -11.31 2.98
CA ASP A 176 -5.01 -11.22 3.01
C ASP A 176 -4.42 -11.02 1.58
N VAL A 177 -3.35 -10.25 1.53
CA VAL A 177 -2.58 -10.05 0.31
C VAL A 177 -1.20 -10.69 0.50
N THR A 178 -0.70 -11.28 -0.60
CA THR A 178 0.64 -11.83 -0.60
C THR A 178 1.32 -11.51 -1.92
N VAL A 179 2.51 -10.93 -1.83
CA VAL A 179 3.32 -10.58 -2.99
C VAL A 179 4.50 -11.56 -2.88
N GLY A 180 4.60 -12.46 -3.86
CA GLY A 180 5.56 -13.57 -3.77
C GLY A 180 6.99 -13.11 -3.92
N LYS A 181 7.92 -14.04 -3.77
CA LYS A 181 9.34 -13.68 -3.71
C LYS A 181 9.75 -13.09 -5.04
N GLY A 182 10.52 -12.01 -4.98
CA GLY A 182 10.97 -11.30 -6.16
C GLY A 182 9.87 -10.71 -7.06
N ALA A 183 8.62 -10.76 -6.59
CA ALA A 183 7.50 -10.17 -7.34
C ALA A 183 7.52 -8.64 -7.21
N HIS A 184 6.89 -7.94 -8.15
CA HIS A 184 6.89 -6.47 -8.12
C HIS A 184 5.49 -5.91 -8.25
N PHE A 185 5.11 -5.09 -7.27
CA PHE A 185 3.76 -4.49 -7.16
C PHE A 185 3.73 -3.00 -7.48
N GLU A 186 2.67 -2.53 -8.14
CA GLU A 186 2.53 -1.10 -8.51
C GLU A 186 1.17 -0.57 -8.03
N GLY A 187 1.18 0.48 -7.24
CA GLY A 187 -0.07 1.12 -6.83
C GLY A 187 -0.25 1.23 -5.34
N VAL A 188 -1.38 1.80 -4.96
CA VAL A 188 -1.73 1.95 -3.55
C VAL A 188 -2.52 0.76 -3.04
N LEU A 189 -2.03 0.13 -1.98
CA LEU A 189 -2.65 -1.10 -1.48
C LEU A 189 -3.50 -0.81 -0.27
N LEU A 190 -4.80 -0.81 -0.48
CA LEU A 190 -5.79 -0.64 0.56
C LEU A 190 -6.31 -2.01 1.02
N ALA A 191 -5.66 -2.54 2.06
CA ALA A 191 -5.91 -3.90 2.51
C ALA A 191 -6.69 -3.93 3.82
N LYS A 192 -7.81 -4.64 3.85
CA LYS A 192 -8.55 -4.75 5.06
C LYS A 192 -7.89 -5.68 6.05
N ARG A 193 -7.12 -6.65 5.54
CA ARG A 193 -6.43 -7.57 6.44
C ARG A 193 -4.94 -7.62 6.20
N PHE A 194 -4.36 -8.81 6.30
CA PHE A 194 -2.91 -8.97 6.37
C PHE A 194 -2.24 -8.66 5.03
N VAL A 195 -0.99 -8.20 5.06
CA VAL A 195 -0.23 -8.03 3.84
C VAL A 195 1.13 -8.62 4.02
N THR A 196 1.57 -9.45 3.07
CA THR A 196 2.88 -10.06 3.18
C THR A 196 3.65 -9.78 1.91
N LEU A 197 4.85 -9.24 2.07
CA LEU A 197 5.73 -8.99 0.95
C LEU A 197 6.90 -9.95 1.11
N GLN A 198 6.83 -11.02 0.32
CA GLN A 198 7.78 -12.10 0.44
C GLN A 198 9.17 -11.71 -0.02
N THR A 199 10.13 -12.54 0.31
CA THR A 199 11.55 -12.19 0.23
C THR A 199 11.97 -11.64 -1.10
N GLY A 200 12.74 -10.56 -1.09
CA GLY A 200 13.12 -9.83 -2.28
C GLY A 200 11.99 -9.21 -3.11
N SER A 201 10.72 -9.29 -2.68
CA SER A 201 9.64 -8.53 -3.42
C SER A 201 9.83 -7.01 -3.32
N SER A 202 9.24 -6.25 -4.25
CA SER A 202 9.37 -4.81 -4.22
C SER A 202 8.02 -4.17 -4.54
N LEU A 203 7.81 -2.93 -4.09
CA LEU A 203 6.51 -2.28 -4.26
C LEU A 203 6.71 -0.79 -4.51
N ASN A 204 6.18 -0.29 -5.64
CA ASN A 204 6.20 1.16 -5.98
C ASN A 204 4.80 1.66 -5.63
N GLY A 205 4.67 2.34 -4.49
CA GLY A 205 3.37 2.80 -3.98
C GLY A 205 3.33 2.86 -2.46
N ARG A 206 2.23 2.38 -1.83
CA ARG A 206 2.06 2.42 -0.38
C ARG A 206 1.25 1.24 0.01
N VAL A 207 1.43 0.86 1.28
CA VAL A 207 0.67 -0.23 1.88
C VAL A 207 -0.07 0.30 3.09
N LEU A 208 -1.39 0.24 3.04
CA LEU A 208 -2.22 0.75 4.12
C LEU A 208 -3.09 -0.38 4.56
N SER A 209 -2.86 -0.96 5.74
CA SER A 209 -3.56 -2.20 6.13
C SER A 209 -4.35 -1.95 7.42
N GLN A 210 -5.53 -2.53 7.52
CA GLN A 210 -6.25 -2.44 8.76
C GLN A 210 -5.91 -3.54 9.76
N THR A 211 -5.02 -4.47 9.39
CA THR A 211 -4.45 -5.33 10.44
C THR A 211 -2.95 -5.23 10.45
N GLU A 212 -2.29 -6.17 9.79
CA GLU A 212 -0.85 -6.30 9.97
C GLU A 212 -0.07 -6.38 8.65
N VAL A 213 1.13 -5.79 8.66
CA VAL A 213 2.00 -5.79 7.48
C VAL A 213 3.31 -6.53 7.74
N ALA A 214 3.57 -7.58 6.94
CA ALA A 214 4.84 -8.36 7.07
C ALA A 214 5.76 -8.21 5.85
N LEU A 215 6.98 -7.72 6.09
CA LEU A 215 7.95 -7.56 5.05
C LEU A 215 9.07 -8.57 5.24
N GLN A 216 9.43 -9.24 4.14
CA GLN A 216 10.51 -10.22 4.11
C GLN A 216 11.65 -9.76 3.16
N LYS A 217 12.70 -9.15 3.71
CA LYS A 217 13.67 -8.50 2.81
C LYS A 217 12.91 -7.84 1.62
N ALA A 218 11.89 -7.02 1.90
CA ALA A 218 11.13 -6.39 0.82
C ALA A 218 11.59 -4.95 0.61
N THR A 219 11.35 -4.40 -0.58
CA THR A 219 11.64 -3.01 -0.92
C THR A 219 10.32 -2.23 -1.11
N VAL A 220 10.11 -1.15 -0.33
CA VAL A 220 8.89 -0.29 -0.50
C VAL A 220 9.29 1.14 -0.85
N ASN A 221 8.93 1.60 -2.06
CA ASN A 221 9.22 2.97 -2.49
C ASN A 221 7.92 3.75 -2.69
N SER A 222 7.61 4.64 -1.73
CA SER A 222 6.41 5.49 -1.78
C SER A 222 6.82 6.84 -2.37
N PRO A 223 5.91 7.51 -3.06
CA PRO A 223 6.20 8.87 -3.53
C PRO A 223 6.60 9.84 -2.41
N PHE A 224 7.54 10.71 -2.74
CA PHE A 224 8.02 11.79 -1.90
C PHE A 224 6.91 12.72 -1.39
N VAL A 225 7.11 13.24 -0.20
CA VAL A 225 6.16 14.20 0.36
C VAL A 225 6.76 15.58 0.16
N PRO A 226 5.93 16.55 -0.30
CA PRO A 226 6.43 17.91 -0.42
C PRO A 226 6.68 18.51 0.97
N ALA A 227 7.85 19.11 1.14
CA ALA A 227 8.13 19.94 2.30
C ALA A 227 7.07 21.09 2.37
N PRO A 228 6.22 21.09 3.44
CA PRO A 228 5.30 22.23 3.69
C PRO A 228 6.16 23.47 3.91
N GLU A 229 5.92 24.54 3.14
CA GLU A 229 6.91 25.63 3.07
C GLU A 229 6.67 26.76 4.07
N VAL A 230 7.55 26.82 5.08
CA VAL A 230 7.49 27.73 6.25
C VAL A 230 7.68 29.25 5.96
N VAL A 231 6.88 30.06 6.65
CA VAL A 231 7.01 31.53 6.61
C VAL A 231 7.65 31.98 7.95
N GLN A 232 8.97 32.18 7.90
CA GLN A 232 9.74 32.61 9.06
C GLN A 232 9.42 34.07 9.34
C1 NAG B . 2.46 11.14 -11.57
C2 NAG B . 3.59 12.07 -11.98
C3 NAG B . 3.95 13.01 -10.83
C4 NAG B . 2.70 13.65 -10.23
C5 NAG B . 1.63 12.60 -9.96
C6 NAG B . 0.35 13.25 -9.43
C7 NAG B . 4.82 10.69 -13.55
C8 NAG B . 6.00 9.80 -13.78
N2 NAG B . 4.75 11.31 -12.37
O3 NAG B . 4.81 14.02 -11.31
O4 NAG B . 3.04 14.31 -9.04
O5 NAG B . 1.36 11.89 -11.14
O6 NAG B . 0.19 14.51 -10.03
O7 NAG B . 3.96 10.82 -14.42
C1 NAG B . 3.62 15.59 -9.36
C2 NAG B . 3.45 16.53 -8.17
C3 NAG B . 2.99 17.90 -8.64
C4 NAG B . 3.75 18.37 -9.86
C5 NAG B . 3.76 17.29 -10.95
C6 NAG B . 5.18 16.87 -11.30
C7 NAG B . 2.93 15.42 -6.09
C8 NAG B . 1.88 14.77 -5.24
N2 NAG B . 2.52 15.98 -7.22
O3 NAG B . 3.15 18.84 -7.60
O4 NAG B . 3.18 19.54 -10.38
O5 NAG B . 3.03 16.17 -10.50
O6 NAG B . 5.91 17.99 -11.74
O7 NAG B . 4.10 15.43 -5.72
C1 BMA B . 4.07 20.64 -10.15
C2 BMA B . 3.96 21.65 -11.28
C3 BMA B . 4.88 22.83 -11.06
C4 BMA B . 4.72 23.39 -9.64
C5 BMA B . 4.80 22.28 -8.61
C6 BMA B . 4.57 22.83 -7.20
O2 BMA B . 2.60 22.12 -11.36
O3 BMA B . 4.59 23.86 -12.01
O4 BMA B . 5.77 24.35 -9.39
O5 BMA B . 3.81 21.29 -8.90
O6 BMA B . 5.54 23.84 -6.91
C1 MAN B . 4.90 24.88 -6.15
C2 MAN B . 5.23 26.24 -6.76
C3 MAN B . 3.96 26.97 -7.19
C4 MAN B . 2.96 27.04 -6.04
C5 MAN B . 2.90 25.72 -5.29
C6 MAN B . 1.46 25.33 -4.99
O2 MAN B . 6.07 26.06 -7.88
O3 MAN B . 3.37 26.28 -8.28
O4 MAN B . 3.34 28.07 -5.15
O5 MAN B . 3.51 24.71 -6.07
O6 MAN B . 1.43 24.44 -3.89
#